data_3TUP
#
_entry.id   3TUP
#
_cell.length_a   116.041
_cell.length_b   116.041
_cell.length_c   123.276
_cell.angle_alpha   90.00
_cell.angle_beta   90.00
_cell.angle_gamma   120.00
#
_symmetry.space_group_name_H-M   'P 31 2 1'
#
loop_
_entity.id
_entity.type
_entity.pdbx_description
1 polymer 'Phenylalanyl-tRNA synthetase, mitochondrial'
2 polymer 'Thermus thermophilus tRNAPhe'
#
loop_
_entity_poly.entity_id
_entity_poly.type
_entity_poly.pdbx_seq_one_letter_code
_entity_poly.pdbx_strand_id
1 'polypeptide(L)'
;MAAECATQRAPGSVVELLGKSYPQDDHSNLTRKVLTRVGRNLHNQQHHPLWLIKERVKEHFYKQYVGRFGTPLFSVYDNL
SPVVTTWQNFDSLLIPADHPSRKKGDNYYLNRTHMLRAHTSAHQWDLLHAGLDAFLVVGDVYRRDQIDSQHYPIFHQLEA
VRLFSKHELFAGIKDGESLQLFEQSSRSAHKQETHTMEAVKLVEFDLKQTLTRLMAHLFGDELEIRWVDCYFPFTHPSFE
MEINFHGEWLEVLGCGVMEQQLVNSAGAQDRIGWAFGLGLERLAMILYDIPDIRLFWCEDERFLKQFCVSNINQKVKFQP
LSKYPAVINDISFWLPSENYAENDFYDLVRTIGGDLVEKVDLIDKFVHPKTHKTSHCYRITYRHMERTLSQREVRHIHQA
LQEAAVQLLGVEGRF
;
A
2 'polyribonucleotide' GCCGAGGUAGCUCAGUUGGUAGAGCAUGCGACUGAAAAUCGCAGUGUCGGCGGUUCGAUUCUGCUCCUCGGCACCA T
#
loop_
_chem_comp.id
_chem_comp.type
_chem_comp.name
_chem_comp.formula
A RNA linking ADENOSINE-5'-MONOPHOSPHATE 'C10 H14 N5 O7 P'
C RNA linking CYTIDINE-5'-MONOPHOSPHATE 'C9 H14 N3 O8 P'
G RNA linking GUANOSINE-5'-MONOPHOSPHATE 'C10 H14 N5 O8 P'
U RNA linking URIDINE-5'-MONOPHOSPHATE 'C9 H13 N2 O9 P'
#
# COMPACT_ATOMS: atom_id res chain seq x y z
N GLY A 12 24.35 -5.11 -24.48
CA GLY A 12 25.20 -4.06 -23.84
C GLY A 12 26.40 -4.66 -23.12
N SER A 13 27.50 -3.91 -23.06
CA SER A 13 28.72 -4.37 -22.41
C SER A 13 28.55 -4.19 -20.89
N VAL A 14 27.69 -3.25 -20.52
CA VAL A 14 27.43 -2.97 -19.12
C VAL A 14 26.06 -2.29 -19.02
N VAL A 15 25.63 -1.94 -17.80
CA VAL A 15 24.35 -1.29 -17.58
C VAL A 15 24.45 -0.39 -16.36
N GLU A 16 24.37 0.92 -16.54
CA GLU A 16 24.47 1.82 -15.40
C GLU A 16 23.08 2.10 -14.85
N LEU A 17 22.89 1.89 -13.54
CA LEU A 17 21.59 2.11 -12.93
C LEU A 17 21.51 3.29 -11.98
N LEU A 18 22.30 3.24 -10.91
CA LEU A 18 22.29 4.36 -9.97
C LEU A 18 23.68 4.85 -9.67
N GLY A 19 24.28 5.55 -10.64
CA GLY A 19 25.63 6.07 -10.47
C GLY A 19 26.57 4.90 -10.36
N LYS A 20 26.17 3.80 -10.98
CA LYS A 20 26.92 2.56 -11.01
C LYS A 20 26.55 1.78 -12.26
N SER A 21 27.53 1.08 -12.83
CA SER A 21 27.33 0.27 -14.02
C SER A 21 27.64 -1.18 -13.64
N TYR A 22 26.85 -2.10 -14.15
CA TYR A 22 27.03 -3.50 -13.82
C TYR A 22 27.20 -4.36 -15.06
N PRO A 23 28.23 -5.22 -15.08
CA PRO A 23 28.56 -6.14 -16.17
C PRO A 23 27.31 -6.88 -16.66
N GLN A 24 27.48 -8.08 -17.22
CA GLN A 24 26.33 -8.83 -17.69
C GLN A 24 26.59 -10.34 -17.68
N ASP A 25 25.68 -11.10 -18.27
CA ASP A 25 25.80 -12.55 -18.34
C ASP A 25 24.44 -13.21 -18.58
N ASP A 26 24.39 -14.55 -18.55
CA ASP A 26 23.14 -15.27 -18.79
C ASP A 26 22.15 -15.11 -17.63
N HIS A 27 22.62 -14.48 -16.56
CA HIS A 27 21.78 -14.21 -15.40
C HIS A 27 21.12 -12.89 -15.72
N SER A 28 21.95 -11.87 -15.92
CA SER A 28 21.51 -10.52 -16.27
C SER A 28 20.30 -10.56 -17.21
N ASN A 29 19.18 -9.95 -16.81
CA ASN A 29 17.98 -9.97 -17.65
C ASN A 29 17.02 -8.80 -17.50
N LEU A 30 17.55 -7.62 -17.18
CA LEU A 30 16.68 -6.45 -17.06
C LEU A 30 16.15 -5.84 -18.38
N THR A 31 14.82 -5.77 -18.50
CA THR A 31 14.16 -5.21 -19.69
C THR A 31 14.07 -3.68 -19.69
N ARG A 32 13.99 -3.08 -20.88
CA ARG A 32 13.90 -1.64 -20.99
C ARG A 32 12.71 -1.20 -20.13
N LYS A 33 11.54 -1.76 -20.44
CA LYS A 33 10.28 -1.47 -19.75
C LYS A 33 10.49 -1.34 -18.24
N VAL A 34 10.68 -2.48 -17.58
CA VAL A 34 10.91 -2.53 -16.15
C VAL A 34 11.79 -1.36 -15.72
N LEU A 35 13.04 -1.39 -16.16
CA LEU A 35 14.07 -0.38 -15.84
C LEU A 35 13.63 1.07 -15.72
N THR A 36 12.70 1.49 -16.58
CA THR A 36 12.19 2.85 -16.56
C THR A 36 11.68 3.14 -15.16
N ARG A 37 10.93 2.19 -14.63
CA ARG A 37 10.34 2.24 -13.29
C ARG A 37 11.32 2.52 -12.16
N VAL A 38 12.40 1.75 -12.08
CA VAL A 38 13.38 1.94 -11.01
C VAL A 38 13.79 3.36 -10.60
N GLY A 39 13.66 3.66 -9.32
CA GLY A 39 14.02 4.98 -8.83
C GLY A 39 12.78 5.85 -8.79
N ARG A 40 11.73 5.34 -9.43
CA ARG A 40 10.44 6.00 -9.47
C ARG A 40 10.03 6.21 -8.03
N ASN A 41 10.32 5.21 -7.20
CA ASN A 41 10.00 5.23 -5.78
C ASN A 41 8.65 5.89 -5.53
N LEU A 42 7.63 5.14 -5.91
CA LEU A 42 6.21 5.49 -5.80
C LEU A 42 5.70 5.63 -4.36
N HIS A 43 6.29 4.87 -3.44
CA HIS A 43 5.90 4.93 -2.04
C HIS A 43 6.42 6.24 -1.46
N ASN A 44 6.27 7.29 -2.24
CA ASN A 44 6.72 8.61 -1.82
C ASN A 44 6.08 9.72 -2.64
N GLN A 45 5.29 9.34 -3.65
CA GLN A 45 4.63 10.34 -4.48
C GLN A 45 3.55 10.98 -3.59
N GLN A 46 3.92 11.19 -2.34
CA GLN A 46 3.06 11.78 -1.32
C GLN A 46 1.60 11.41 -1.48
N HIS A 47 0.87 12.15 -2.30
CA HIS A 47 -0.54 11.85 -2.47
C HIS A 47 -0.82 10.57 -3.25
N HIS A 48 0.08 9.60 -3.12
CA HIS A 48 -0.09 8.33 -3.81
C HIS A 48 -0.56 7.30 -2.81
N PRO A 49 -1.66 6.62 -3.11
CA PRO A 49 -2.25 5.59 -2.25
C PRO A 49 -1.17 4.83 -1.48
N LEU A 50 -0.17 4.36 -2.20
CA LEU A 50 0.92 3.61 -1.61
C LEU A 50 1.61 4.35 -0.49
N TRP A 51 1.78 5.66 -0.63
CA TRP A 51 2.44 6.45 0.39
C TRP A 51 1.57 6.55 1.64
N LEU A 52 0.27 6.81 1.42
CA LEU A 52 -0.67 6.93 2.53
C LEU A 52 -0.45 5.72 3.42
N ILE A 53 -0.70 4.53 2.87
CA ILE A 53 -0.51 3.30 3.61
C ILE A 53 0.83 3.31 4.35
N LYS A 54 1.81 4.06 3.85
CA LYS A 54 3.08 4.09 4.56
C LYS A 54 2.98 4.89 5.87
N GLU A 55 2.55 6.14 5.81
CA GLU A 55 2.43 6.90 7.07
C GLU A 55 1.26 6.29 7.85
N ARG A 56 0.19 5.97 7.13
CA ARG A 56 -0.97 5.34 7.70
C ARG A 56 -0.47 4.23 8.60
N VAL A 57 0.66 3.64 8.21
CA VAL A 57 1.25 2.57 8.99
C VAL A 57 2.40 3.12 9.81
N LYS A 58 3.03 4.17 9.32
CA LYS A 58 4.17 4.78 9.99
C LYS A 58 3.67 5.43 11.27
N GLU A 59 2.46 5.97 11.20
CA GLU A 59 1.83 6.64 12.32
C GLU A 59 1.52 5.64 13.40
N HIS A 60 0.58 4.73 13.12
CA HIS A 60 0.20 3.74 14.10
C HIS A 60 1.39 3.38 14.99
N PHE A 61 2.50 2.95 14.39
CA PHE A 61 3.71 2.54 15.13
C PHE A 61 4.37 3.64 15.94
N TYR A 62 4.30 4.85 15.42
CA TYR A 62 4.85 6.02 16.08
C TYR A 62 4.14 6.15 17.43
N LYS A 63 2.85 6.45 17.37
CA LYS A 63 2.02 6.58 18.58
C LYS A 63 2.07 5.31 19.44
N GLN A 64 1.49 4.24 18.92
CA GLN A 64 1.43 2.97 19.63
C GLN A 64 2.70 2.48 20.33
N TYR A 65 3.87 2.72 19.76
CA TYR A 65 5.09 2.26 20.41
C TYR A 65 6.18 3.32 20.48
N VAL A 66 6.99 3.21 21.53
CA VAL A 66 8.14 4.07 21.78
C VAL A 66 8.90 3.45 22.95
N GLY A 67 9.98 2.71 22.63
CA GLY A 67 10.79 2.09 23.66
C GLY A 67 11.79 3.16 24.03
N ARG A 68 12.29 3.15 25.28
CA ARG A 68 13.24 4.17 25.72
C ARG A 68 12.50 5.52 25.82
N PHE A 69 13.23 6.65 25.76
CA PHE A 69 12.62 7.97 25.89
C PHE A 69 11.64 8.36 24.79
N GLY A 70 11.82 9.54 24.21
CA GLY A 70 10.93 10.02 23.17
C GLY A 70 11.32 9.55 21.78
N THR A 71 12.35 8.70 21.73
CA THR A 71 12.82 8.16 20.46
C THR A 71 11.98 6.91 20.20
N PRO A 72 11.21 6.91 19.09
CA PRO A 72 10.41 5.72 18.80
C PRO A 72 11.36 4.56 18.57
N LEU A 73 10.88 3.34 18.83
CA LEU A 73 11.69 2.15 18.65
C LEU A 73 11.72 1.73 17.19
N PHE A 74 10.61 1.97 16.48
CA PHE A 74 10.51 1.63 15.06
C PHE A 74 10.95 2.79 14.19
N SER A 75 12.24 2.78 13.83
CA SER A 75 12.82 3.82 12.98
C SER A 75 12.63 3.44 11.52
N VAL A 76 11.87 4.26 10.82
CA VAL A 76 11.58 4.01 9.41
C VAL A 76 12.68 4.31 8.38
N TYR A 77 12.67 3.52 7.29
CA TYR A 77 13.59 3.65 6.16
C TYR A 77 12.74 3.48 4.90
N ASP A 78 12.41 4.59 4.25
CA ASP A 78 11.56 4.56 3.08
C ASP A 78 12.28 4.79 1.76
N ASN A 79 13.57 5.11 1.82
CA ASN A 79 14.35 5.34 0.62
C ASN A 79 15.65 4.58 0.63
N LEU A 80 15.62 3.37 0.08
CA LEU A 80 16.79 2.51 0.01
C LEU A 80 17.02 1.98 -1.41
N SER A 81 18.26 1.62 -1.71
CA SER A 81 18.65 1.12 -3.02
C SER A 81 18.07 -0.26 -3.39
N PRO A 82 17.21 -0.31 -4.42
CA PRO A 82 16.61 -1.56 -4.86
C PRO A 82 17.72 -2.50 -5.31
N VAL A 83 18.73 -1.91 -5.92
CA VAL A 83 19.86 -2.69 -6.39
C VAL A 83 20.63 -3.28 -5.20
N VAL A 84 20.26 -4.50 -4.82
CA VAL A 84 20.91 -5.16 -3.70
C VAL A 84 21.82 -6.25 -4.20
N THR A 85 22.82 -6.58 -3.40
CA THR A 85 23.76 -7.61 -3.78
C THR A 85 22.97 -8.90 -3.84
N THR A 86 23.64 -10.03 -3.99
CA THR A 86 22.92 -11.29 -4.04
C THR A 86 22.88 -11.86 -2.64
N TRP A 87 24.04 -11.91 -2.01
CA TRP A 87 24.20 -12.42 -0.66
C TRP A 87 23.10 -11.81 0.19
N GLN A 88 22.76 -10.57 -0.13
CA GLN A 88 21.73 -9.89 0.61
C GLN A 88 20.36 -10.52 0.45
N ASN A 89 19.73 -10.31 -0.70
CA ASN A 89 18.39 -10.83 -0.99
C ASN A 89 18.19 -12.33 -0.73
N PHE A 90 19.25 -13.12 -0.73
CA PHE A 90 19.04 -14.55 -0.55
C PHE A 90 19.76 -15.22 0.58
N ASP A 91 21.08 -15.07 0.59
CA ASP A 91 21.93 -15.71 1.57
C ASP A 91 21.77 -15.32 3.03
N SER A 92 21.79 -14.01 3.32
CA SER A 92 21.67 -13.54 4.70
C SER A 92 20.40 -14.02 5.36
N LEU A 93 19.40 -14.36 4.55
CA LEU A 93 18.13 -14.89 5.02
C LEU A 93 18.06 -16.44 5.00
N LEU A 94 19.21 -17.07 5.23
CA LEU A 94 19.30 -18.51 5.27
C LEU A 94 18.70 -19.24 4.09
N ILE A 95 18.37 -18.51 3.02
CA ILE A 95 17.82 -19.16 1.83
C ILE A 95 18.84 -20.06 1.12
N PRO A 96 18.59 -21.38 1.10
CA PRO A 96 19.47 -22.35 0.47
C PRO A 96 19.84 -22.06 -0.98
N ALA A 97 20.93 -22.66 -1.45
CA ALA A 97 21.38 -22.48 -2.83
C ALA A 97 20.56 -23.43 -3.70
N ASP A 98 20.13 -22.92 -4.84
CA ASP A 98 19.31 -23.70 -5.76
C ASP A 98 17.88 -23.74 -5.26
N HIS A 99 17.55 -22.82 -4.34
CA HIS A 99 16.18 -22.74 -3.84
C HIS A 99 15.36 -22.23 -5.00
N PRO A 100 14.12 -22.71 -5.13
CA PRO A 100 13.24 -22.29 -6.22
C PRO A 100 13.26 -20.79 -6.56
N SER A 101 12.94 -19.96 -5.57
CA SER A 101 12.89 -18.51 -5.72
C SER A 101 14.16 -17.84 -6.26
N ARG A 102 15.12 -18.62 -6.73
CA ARG A 102 16.35 -18.06 -7.28
C ARG A 102 16.33 -18.29 -8.80
N LYS A 103 15.15 -18.63 -9.31
CA LYS A 103 14.94 -18.85 -10.73
C LYS A 103 15.15 -17.52 -11.44
N LYS A 104 15.97 -17.53 -12.47
CA LYS A 104 16.24 -16.31 -13.23
C LYS A 104 14.94 -15.73 -13.77
N GLY A 105 14.07 -16.58 -14.32
CA GLY A 105 12.80 -16.11 -14.86
C GLY A 105 11.78 -15.77 -13.81
N ASP A 106 12.25 -15.25 -12.67
CA ASP A 106 11.39 -14.87 -11.56
C ASP A 106 11.99 -13.63 -10.91
N ASN A 107 13.30 -13.52 -11.00
CA ASN A 107 14.01 -12.39 -10.43
C ASN A 107 14.68 -11.57 -11.52
N TYR A 108 14.86 -10.27 -11.27
CA TYR A 108 15.52 -9.38 -12.21
C TYR A 108 16.95 -9.15 -11.73
N TYR A 109 17.87 -9.87 -12.35
CA TYR A 109 19.29 -9.79 -12.01
C TYR A 109 20.03 -8.79 -12.88
N LEU A 110 20.96 -8.05 -12.28
CA LEU A 110 21.75 -7.09 -13.06
C LEU A 110 22.89 -7.95 -13.58
N ASN A 111 23.56 -8.65 -12.66
CA ASN A 111 24.60 -9.59 -13.01
C ASN A 111 24.32 -10.73 -12.04
N ARG A 112 25.07 -11.82 -12.13
CA ARG A 112 24.82 -12.96 -11.25
C ARG A 112 24.85 -12.63 -9.77
N THR A 113 25.65 -11.65 -9.38
CA THR A 113 25.78 -11.30 -7.96
C THR A 113 25.12 -10.01 -7.45
N HIS A 114 24.36 -9.32 -8.30
CA HIS A 114 23.65 -8.09 -7.92
C HIS A 114 22.29 -8.10 -8.62
N MET A 115 21.22 -7.74 -7.91
CA MET A 115 19.89 -7.77 -8.53
C MET A 115 18.97 -6.68 -7.99
N LEU A 116 17.73 -6.68 -8.47
CA LEU A 116 16.75 -5.73 -7.98
C LEU A 116 15.88 -6.44 -6.93
N ARG A 117 16.22 -6.24 -5.66
CA ARG A 117 15.53 -6.86 -4.53
C ARG A 117 14.12 -7.36 -4.82
N ALA A 118 13.95 -8.66 -4.60
CA ALA A 118 12.66 -9.32 -4.83
C ALA A 118 11.79 -9.07 -3.62
N HIS A 119 12.44 -8.83 -2.49
CA HIS A 119 11.73 -8.59 -1.26
C HIS A 119 12.58 -7.72 -0.32
N THR A 120 11.90 -6.85 0.43
CA THR A 120 12.57 -5.95 1.39
C THR A 120 13.33 -6.75 2.43
N SER A 121 12.90 -7.98 2.64
CA SER A 121 13.53 -8.85 3.62
C SER A 121 15.04 -8.93 3.38
N ALA A 122 15.46 -8.31 2.28
CA ALA A 122 16.86 -8.31 1.88
C ALA A 122 17.75 -7.50 2.81
N HIS A 123 17.16 -6.45 3.38
CA HIS A 123 17.86 -5.54 4.31
C HIS A 123 17.85 -6.03 5.75
N GLN A 124 16.97 -6.97 6.02
CA GLN A 124 16.82 -7.52 7.34
C GLN A 124 18.16 -7.76 7.98
N TRP A 125 19.10 -8.33 7.24
CA TRP A 125 20.37 -8.64 7.86
C TRP A 125 21.25 -7.46 8.20
N ASP A 126 21.38 -6.52 7.30
CA ASP A 126 22.22 -5.37 7.57
C ASP A 126 21.75 -4.69 8.81
N LEU A 127 20.50 -4.24 8.78
CA LEU A 127 19.94 -3.54 9.92
C LEU A 127 20.24 -4.29 11.23
N LEU A 128 20.01 -5.60 11.26
CA LEU A 128 20.31 -6.35 12.47
C LEU A 128 21.74 -5.99 12.83
N HIS A 129 22.70 -6.56 12.08
CA HIS A 129 24.12 -6.31 12.29
C HIS A 129 24.37 -4.95 12.92
N ALA A 130 23.91 -3.91 12.22
CA ALA A 130 24.06 -2.52 12.67
C ALA A 130 23.84 -2.39 14.16
N GLY A 131 22.59 -2.21 14.53
CA GLY A 131 22.26 -2.08 15.93
C GLY A 131 20.78 -1.95 16.17
N LEU A 132 20.02 -1.57 15.15
CA LEU A 132 18.59 -1.45 15.34
C LEU A 132 18.07 -2.75 15.94
N ASP A 133 17.09 -2.63 16.84
CA ASP A 133 16.49 -3.78 17.47
C ASP A 133 15.03 -3.74 17.07
N ALA A 134 14.63 -2.69 16.36
CA ALA A 134 13.25 -2.54 15.90
C ALA A 134 13.14 -1.56 14.71
N PHE A 135 12.56 -2.00 13.59
CA PHE A 135 12.47 -1.12 12.42
C PHE A 135 11.47 -1.43 11.32
N LEU A 136 11.35 -0.47 10.42
CA LEU A 136 10.46 -0.60 9.28
C LEU A 136 11.29 -0.28 8.05
N VAL A 137 10.88 -0.83 6.92
CA VAL A 137 11.53 -0.61 5.64
C VAL A 137 10.44 -0.61 4.58
N VAL A 138 10.19 0.55 3.98
CA VAL A 138 9.17 0.65 2.96
C VAL A 138 9.87 0.88 1.65
N GLY A 139 9.64 0.00 0.69
CA GLY A 139 10.30 0.16 -0.58
C GLY A 139 9.62 -0.48 -1.75
N ASP A 140 10.31 -0.44 -2.88
CA ASP A 140 9.83 -1.02 -4.11
C ASP A 140 10.67 -2.28 -4.35
N VAL A 141 10.02 -3.31 -4.87
CA VAL A 141 10.68 -4.58 -5.15
C VAL A 141 10.20 -5.10 -6.52
N TYR A 142 11.02 -5.94 -7.13
CA TYR A 142 10.71 -6.45 -8.45
C TYR A 142 10.73 -7.96 -8.46
N ARG A 143 9.87 -8.52 -9.29
CA ARG A 143 9.81 -9.97 -9.45
C ARG A 143 9.35 -10.15 -10.87
N ARG A 144 10.13 -10.84 -11.67
CA ARG A 144 9.70 -11.03 -13.04
C ARG A 144 8.56 -12.03 -13.07
N ASP A 145 7.44 -11.64 -13.66
CA ASP A 145 6.30 -12.52 -13.75
C ASP A 145 5.25 -11.86 -14.64
N GLN A 146 4.10 -12.51 -14.76
CA GLN A 146 2.97 -12.03 -15.55
C GLN A 146 2.53 -10.62 -15.19
N ILE A 147 1.43 -10.20 -15.79
CA ILE A 147 0.86 -8.88 -15.53
C ILE A 147 -0.63 -9.01 -15.70
N ASP A 148 -1.34 -9.05 -14.59
CA ASP A 148 -2.79 -9.16 -14.66
C ASP A 148 -3.39 -8.27 -13.59
N SER A 149 -4.67 -8.49 -13.31
CA SER A 149 -5.38 -7.71 -12.31
C SER A 149 -4.59 -7.62 -11.00
N GLN A 150 -4.21 -8.78 -10.45
CA GLN A 150 -3.50 -8.86 -9.15
C GLN A 150 -1.96 -9.08 -9.14
N HIS A 151 -1.34 -9.16 -10.32
CA HIS A 151 0.11 -9.39 -10.40
C HIS A 151 0.76 -8.28 -11.26
N TYR A 152 2.00 -7.93 -10.98
CA TYR A 152 2.69 -6.90 -11.77
C TYR A 152 4.18 -6.88 -11.50
N PRO A 153 4.99 -6.69 -12.55
CA PRO A 153 6.46 -6.62 -12.55
C PRO A 153 7.04 -5.96 -11.32
N ILE A 154 6.43 -4.84 -10.96
CA ILE A 154 6.89 -4.05 -9.83
C ILE A 154 5.84 -3.72 -8.77
N PHE A 155 6.22 -3.86 -7.51
CA PHE A 155 5.35 -3.50 -6.40
C PHE A 155 6.14 -3.10 -5.17
N HIS A 156 5.43 -2.79 -4.09
CA HIS A 156 6.10 -2.33 -2.88
C HIS A 156 5.80 -3.12 -1.62
N GLN A 157 6.73 -3.06 -0.67
CA GLN A 157 6.57 -3.79 0.56
C GLN A 157 6.91 -2.98 1.78
N LEU A 158 6.14 -3.23 2.83
CA LEU A 158 6.45 -2.57 4.08
C LEU A 158 6.86 -3.77 4.89
N GLU A 159 8.10 -3.77 5.37
CA GLU A 159 8.55 -4.86 6.19
C GLU A 159 8.83 -4.21 7.52
N ALA A 160 8.76 -5.01 8.58
CA ALA A 160 8.97 -4.53 9.94
C ALA A 160 9.64 -5.61 10.73
N VAL A 161 10.41 -5.24 11.75
CA VAL A 161 11.09 -6.23 12.58
C VAL A 161 11.35 -5.68 13.96
N ARG A 162 11.15 -6.53 14.97
CA ARG A 162 11.39 -6.18 16.36
C ARG A 162 12.16 -7.26 17.11
N LEU A 163 13.09 -6.85 17.94
CA LEU A 163 13.83 -7.82 18.72
C LEU A 163 13.36 -7.67 20.18
N PHE A 164 14.03 -8.37 21.09
CA PHE A 164 13.72 -8.35 22.51
C PHE A 164 14.92 -8.79 23.35
N SER A 165 14.97 -8.30 24.59
CA SER A 165 16.04 -8.63 25.54
C SER A 165 15.60 -9.83 26.39
N LYS A 166 16.58 -10.66 26.77
CA LYS A 166 16.28 -11.82 27.59
C LYS A 166 15.62 -11.47 28.94
N HIS A 167 16.00 -10.34 29.54
CA HIS A 167 15.42 -9.93 30.82
C HIS A 167 14.15 -9.12 30.63
N GLU A 168 13.70 -9.00 29.37
CA GLU A 168 12.50 -8.23 29.07
C GLU A 168 11.42 -8.97 28.33
N LEU A 169 11.79 -10.01 27.59
CA LEU A 169 10.74 -10.70 26.86
C LEU A 169 9.62 -10.99 27.85
N PHE A 170 10.01 -11.67 28.93
CA PHE A 170 9.12 -12.07 30.02
C PHE A 170 8.90 -10.87 30.99
N ALA A 171 9.91 -10.62 31.82
CA ALA A 171 9.90 -9.52 32.78
C ALA A 171 8.64 -9.46 33.63
N GLY A 172 7.61 -8.83 33.07
CA GLY A 172 6.34 -8.74 33.76
C GLY A 172 5.78 -10.15 33.85
N ILE A 173 6.33 -10.93 34.79
CA ILE A 173 5.93 -12.31 35.02
C ILE A 173 6.25 -12.56 36.48
N LYS A 174 5.69 -13.62 37.06
CA LYS A 174 5.97 -13.98 38.45
C LYS A 174 7.50 -14.11 38.47
N ASP A 175 8.15 -12.98 38.74
CA ASP A 175 9.61 -12.88 38.72
C ASP A 175 10.43 -13.94 39.44
N GLY A 176 10.49 -15.09 38.78
CA GLY A 176 11.25 -16.25 39.21
C GLY A 176 11.94 -16.66 37.91
N GLU A 177 13.01 -15.94 37.58
CA GLU A 177 13.78 -16.14 36.34
C GLU A 177 14.39 -17.52 36.09
N SER A 178 13.51 -18.49 35.90
CA SER A 178 13.90 -19.86 35.59
C SER A 178 13.41 -19.98 34.16
N LEU A 179 13.68 -18.94 33.38
CA LEU A 179 13.24 -18.87 31.99
C LEU A 179 14.27 -18.41 30.97
N GLN A 180 15.32 -19.19 30.77
CA GLN A 180 16.32 -18.82 29.78
C GLN A 180 15.55 -18.76 28.46
N LEU A 181 15.45 -17.57 27.85
CA LEU A 181 14.69 -17.37 26.61
C LEU A 181 14.93 -18.40 25.50
N PHE A 182 15.94 -19.27 25.68
CA PHE A 182 16.15 -20.30 24.69
C PHE A 182 17.13 -21.44 25.04
N GLU A 183 16.74 -22.67 24.69
CA GLU A 183 17.59 -23.83 24.95
C GLU A 183 17.89 -24.70 23.74
N GLN A 184 18.26 -25.95 24.02
CA GLN A 184 18.63 -26.98 23.04
C GLN A 184 17.54 -27.96 22.63
N SER A 185 16.27 -27.59 22.83
CA SER A 185 15.15 -28.45 22.52
C SER A 185 15.14 -29.13 21.14
N SER A 186 14.23 -28.71 20.25
CA SER A 186 14.13 -29.31 18.93
C SER A 186 13.06 -28.60 18.11
N ARG A 187 13.23 -28.56 16.78
CA ARG A 187 12.27 -27.89 15.89
C ARG A 187 11.00 -28.67 15.75
N SER A 188 9.93 -28.11 16.30
CA SER A 188 8.63 -28.73 16.24
C SER A 188 7.98 -27.89 15.20
N ALA A 189 6.86 -28.36 14.67
CA ALA A 189 6.19 -27.55 13.68
C ALA A 189 5.81 -26.25 14.36
N HIS A 190 6.12 -26.13 15.64
CA HIS A 190 5.77 -24.94 16.42
C HIS A 190 6.85 -24.02 16.99
N LYS A 191 8.13 -24.41 16.88
CA LYS A 191 9.21 -23.57 17.39
C LYS A 191 10.59 -24.01 16.89
N GLN A 192 11.54 -23.06 16.85
CA GLN A 192 12.90 -23.36 16.42
C GLN A 192 13.63 -24.23 17.43
N GLU A 193 14.45 -25.16 16.92
CA GLU A 193 15.19 -26.10 17.78
C GLU A 193 16.01 -25.39 18.83
N THR A 194 16.15 -24.09 18.69
CA THR A 194 16.94 -23.29 19.62
C THR A 194 16.07 -22.21 20.27
N HIS A 195 14.82 -22.55 20.54
CA HIS A 195 13.88 -21.62 21.16
C HIS A 195 13.16 -22.29 22.31
N THR A 196 12.37 -21.52 23.06
CA THR A 196 11.62 -22.06 24.18
C THR A 196 10.17 -21.69 24.01
N MET A 197 9.28 -22.62 24.31
CA MET A 197 7.87 -22.39 24.15
C MET A 197 7.34 -21.07 24.74
N GLU A 198 7.79 -20.75 25.95
CA GLU A 198 7.34 -19.53 26.63
C GLU A 198 7.77 -18.31 25.84
N ALA A 199 9.03 -18.33 25.40
CA ALA A 199 9.58 -17.24 24.61
C ALA A 199 8.77 -17.15 23.32
N VAL A 200 8.76 -18.27 22.59
CA VAL A 200 8.06 -18.34 21.32
C VAL A 200 6.63 -17.83 21.42
N LYS A 201 5.83 -18.56 22.19
CA LYS A 201 4.42 -18.23 22.41
C LYS A 201 4.19 -16.76 22.65
N LEU A 202 5.19 -16.10 23.22
CA LEU A 202 5.13 -14.66 23.53
C LEU A 202 5.28 -13.76 22.29
N VAL A 203 6.45 -13.82 21.65
CA VAL A 203 6.71 -13.00 20.47
C VAL A 203 5.63 -13.25 19.42
N GLU A 204 5.24 -14.51 19.28
CA GLU A 204 4.20 -14.86 18.34
C GLU A 204 2.98 -14.02 18.71
N PHE A 205 2.74 -13.90 20.02
CA PHE A 205 1.62 -13.11 20.50
C PHE A 205 1.89 -11.69 20.08
N ASP A 206 3.07 -11.19 20.45
CA ASP A 206 3.45 -9.83 20.08
C ASP A 206 3.31 -9.68 18.57
N LEU A 207 3.98 -10.52 17.80
CA LEU A 207 3.88 -10.41 16.35
C LEU A 207 2.41 -10.48 15.92
N LYS A 208 1.70 -11.52 16.37
CA LYS A 208 0.29 -11.66 16.02
C LYS A 208 -0.46 -10.43 16.51
N GLN A 209 -0.13 -10.05 17.76
CA GLN A 209 -0.70 -8.89 18.46
C GLN A 209 -0.53 -7.59 17.67
N THR A 210 0.72 -7.15 17.60
CA THR A 210 1.09 -5.93 16.89
C THR A 210 0.37 -5.86 15.56
N LEU A 211 0.33 -6.99 14.87
CA LEU A 211 -0.32 -7.04 13.55
C LEU A 211 -1.83 -6.93 13.60
N THR A 212 -2.46 -7.64 14.53
CA THR A 212 -3.93 -7.61 14.68
C THR A 212 -4.38 -6.19 15.00
N ARG A 213 -3.56 -5.55 15.85
CA ARG A 213 -3.80 -4.20 16.29
C ARG A 213 -3.66 -3.26 15.12
N LEU A 214 -2.51 -3.34 14.46
CA LEU A 214 -2.20 -2.52 13.29
C LEU A 214 -3.26 -2.59 12.18
N MET A 215 -3.75 -3.79 11.90
CA MET A 215 -4.75 -3.96 10.86
C MET A 215 -6.01 -3.16 11.18
N ALA A 216 -6.61 -3.47 12.32
CA ALA A 216 -7.84 -2.81 12.79
C ALA A 216 -7.72 -1.30 12.68
N HIS A 217 -6.57 -0.78 13.10
CA HIS A 217 -6.33 0.64 13.02
C HIS A 217 -6.59 1.12 11.59
N LEU A 218 -5.97 0.43 10.63
CA LEU A 218 -6.12 0.78 9.21
C LEU A 218 -7.51 0.59 8.60
N PHE A 219 -8.04 -0.63 8.73
CA PHE A 219 -9.33 -1.02 8.17
C PHE A 219 -10.55 -0.62 8.99
N GLY A 220 -10.46 -0.90 10.29
CA GLY A 220 -11.54 -0.60 11.21
C GLY A 220 -11.54 -1.70 12.25
N ASP A 221 -12.60 -2.51 12.25
CA ASP A 221 -12.71 -3.63 13.19
C ASP A 221 -13.85 -4.55 12.77
N GLU A 222 -14.17 -4.46 11.49
CA GLU A 222 -15.23 -5.26 10.87
C GLU A 222 -14.61 -6.02 9.68
N LEU A 223 -13.33 -6.34 9.82
CA LEU A 223 -12.54 -7.06 8.81
C LEU A 223 -12.40 -8.54 9.13
N GLU A 224 -12.64 -9.40 8.14
CA GLU A 224 -12.48 -10.81 8.41
C GLU A 224 -11.00 -11.09 8.27
N ILE A 225 -10.39 -11.62 9.32
CA ILE A 225 -8.97 -11.92 9.32
C ILE A 225 -8.62 -13.19 10.10
N ARG A 226 -7.78 -14.03 9.51
CA ARG A 226 -7.35 -15.29 10.14
C ARG A 226 -5.88 -15.53 9.80
N TRP A 227 -5.31 -16.54 10.44
CA TRP A 227 -3.93 -16.90 10.17
C TRP A 227 -3.89 -18.31 9.60
N VAL A 228 -3.01 -18.52 8.64
CA VAL A 228 -2.81 -19.84 8.02
C VAL A 228 -1.33 -20.16 8.13
N ASP A 229 -1.01 -21.36 8.59
CA ASP A 229 0.39 -21.72 8.74
C ASP A 229 1.07 -21.81 7.36
N CYS A 230 2.33 -21.38 7.31
CA CYS A 230 3.11 -21.40 6.07
C CYS A 230 4.63 -21.51 6.28
N TYR A 231 5.38 -21.45 5.19
CA TYR A 231 6.85 -21.60 5.21
C TYR A 231 7.63 -20.44 4.64
N PHE A 232 8.75 -20.18 5.30
CA PHE A 232 9.69 -19.12 4.93
C PHE A 232 11.07 -19.56 5.36
N PRO A 233 12.03 -19.56 4.43
CA PRO A 233 13.42 -19.96 4.70
C PRO A 233 14.05 -19.26 5.90
N PHE A 234 13.60 -18.03 6.15
CA PHE A 234 14.14 -17.15 7.20
C PHE A 234 13.30 -16.85 8.44
N THR A 235 12.30 -17.68 8.72
CA THR A 235 11.44 -17.53 9.90
C THR A 235 10.93 -18.95 10.21
N HIS A 236 10.67 -19.31 11.47
CA HIS A 236 10.16 -20.66 11.67
C HIS A 236 8.65 -20.68 11.78
N PRO A 237 8.08 -20.46 12.97
CA PRO A 237 6.62 -20.51 12.96
C PRO A 237 6.29 -19.42 11.97
N SER A 238 5.61 -19.77 10.87
CA SER A 238 5.30 -18.81 9.83
C SER A 238 3.80 -18.78 9.65
N PHE A 239 3.24 -17.59 9.56
CA PHE A 239 1.82 -17.47 9.42
C PHE A 239 1.58 -16.49 8.29
N GLU A 240 0.40 -16.56 7.69
CA GLU A 240 0.08 -15.68 6.58
C GLU A 240 -1.28 -15.00 6.80
N MET A 241 -1.25 -13.74 7.25
CA MET A 241 -2.49 -13.01 7.50
C MET A 241 -3.29 -12.79 6.23
N GLU A 242 -4.50 -13.33 6.21
CA GLU A 242 -5.38 -13.21 5.07
C GLU A 242 -6.53 -12.36 5.50
N ILE A 243 -7.18 -11.67 4.57
CA ILE A 243 -8.34 -10.84 4.88
C ILE A 243 -9.49 -11.03 3.91
N ASN A 244 -10.64 -11.42 4.43
CA ASN A 244 -11.82 -11.62 3.62
C ASN A 244 -12.56 -10.31 3.33
N PHE A 245 -13.06 -10.20 2.11
CA PHE A 245 -13.81 -9.04 1.61
C PHE A 245 -14.26 -9.38 0.20
N HIS A 246 -15.49 -8.98 -0.15
CA HIS A 246 -16.05 -9.26 -1.48
C HIS A 246 -16.62 -10.69 -1.48
N GLY A 247 -16.45 -11.39 -0.37
CA GLY A 247 -16.94 -12.75 -0.24
C GLY A 247 -15.84 -13.80 -0.17
N GLU A 248 -14.71 -13.52 -0.80
CA GLU A 248 -13.55 -14.43 -0.83
C GLU A 248 -12.40 -13.88 0.02
N TRP A 249 -11.72 -14.77 0.76
CA TRP A 249 -10.59 -14.36 1.60
C TRP A 249 -9.38 -14.01 0.74
N LEU A 250 -8.80 -12.82 0.95
CA LEU A 250 -7.62 -12.37 0.22
C LEU A 250 -6.41 -12.35 1.16
N GLU A 251 -5.20 -12.28 0.61
CA GLU A 251 -4.01 -12.26 1.46
C GLU A 251 -3.33 -10.90 1.47
N VAL A 252 -2.72 -10.56 2.61
CA VAL A 252 -2.04 -9.27 2.78
C VAL A 252 -0.59 -9.33 3.22
N LEU A 253 -0.19 -10.33 4.01
CA LEU A 253 1.20 -10.36 4.46
C LEU A 253 1.85 -11.72 4.78
N GLY A 254 3.07 -11.65 5.28
CA GLY A 254 3.82 -12.84 5.64
C GLY A 254 4.58 -12.49 6.90
N CYS A 255 4.78 -13.46 7.80
CA CYS A 255 5.44 -13.17 9.07
C CYS A 255 5.76 -14.43 9.85
N GLY A 256 6.58 -14.28 10.87
CA GLY A 256 6.98 -15.40 11.70
C GLY A 256 8.06 -14.97 12.66
N VAL A 257 8.49 -15.81 13.59
CA VAL A 257 9.56 -15.35 14.49
C VAL A 257 10.77 -15.29 13.56
N MET A 258 11.90 -14.76 14.02
CA MET A 258 13.07 -14.73 13.15
C MET A 258 13.91 -15.97 13.36
N GLU A 259 14.53 -16.43 12.30
CA GLU A 259 15.37 -17.60 12.41
C GLU A 259 16.59 -17.16 13.20
N GLN A 260 16.98 -17.94 14.22
CA GLN A 260 18.12 -17.54 15.02
C GLN A 260 19.40 -17.46 14.21
N GLN A 261 19.79 -18.56 13.58
CA GLN A 261 21.01 -18.58 12.80
C GLN A 261 21.16 -17.23 12.13
N LEU A 262 20.09 -16.80 11.48
CA LEU A 262 20.08 -15.52 10.82
C LEU A 262 20.57 -14.45 11.80
N VAL A 263 19.87 -14.34 12.93
CA VAL A 263 20.21 -13.35 13.95
C VAL A 263 21.61 -13.50 14.52
N ASN A 264 21.88 -14.64 15.15
CA ASN A 264 23.18 -14.89 15.77
C ASN A 264 24.34 -14.51 14.86
N SER A 265 24.16 -14.77 13.56
CA SER A 265 25.17 -14.48 12.54
C SER A 265 25.37 -12.98 12.42
N ALA A 266 24.25 -12.27 12.41
CA ALA A 266 24.28 -10.82 12.32
C ALA A 266 25.03 -10.19 13.51
N GLY A 267 24.28 -9.58 14.43
CA GLY A 267 24.89 -8.95 15.60
C GLY A 267 24.04 -8.95 16.85
N ALA A 268 23.23 -9.99 17.02
CA ALA A 268 22.33 -10.11 18.17
C ALA A 268 22.33 -11.54 18.70
N GLN A 269 23.53 -12.08 18.89
CA GLN A 269 23.80 -13.44 19.38
C GLN A 269 22.90 -13.88 20.51
N ASP A 270 22.38 -12.91 21.26
CA ASP A 270 21.52 -13.18 22.38
C ASP A 270 20.27 -12.30 22.30
N ARG A 271 19.36 -12.68 21.41
CA ARG A 271 18.10 -11.96 21.23
C ARG A 271 17.10 -12.85 20.50
N ILE A 272 15.92 -12.31 20.24
CA ILE A 272 14.88 -13.05 19.55
C ILE A 272 13.95 -11.99 19.01
N GLY A 273 13.25 -12.29 17.94
CA GLY A 273 12.38 -11.27 17.40
C GLY A 273 11.54 -11.82 16.29
N TRP A 274 10.66 -10.98 15.80
CA TRP A 274 9.77 -11.35 14.74
C TRP A 274 9.93 -10.40 13.57
N ALA A 275 9.56 -10.86 12.40
CA ALA A 275 9.64 -10.05 11.22
C ALA A 275 8.29 -10.13 10.56
N PHE A 276 8.04 -9.22 9.62
CA PHE A 276 6.80 -9.22 8.89
C PHE A 276 6.86 -8.16 7.81
N GLY A 277 6.39 -8.52 6.62
CA GLY A 277 6.39 -7.58 5.51
C GLY A 277 5.08 -7.73 4.76
N LEU A 278 4.42 -6.62 4.48
CA LEU A 278 3.16 -6.66 3.76
C LEU A 278 3.20 -5.94 2.41
N GLY A 279 2.22 -6.25 1.57
CA GLY A 279 2.16 -5.65 0.24
C GLY A 279 1.20 -4.47 0.16
N LEU A 280 1.78 -3.28 0.17
CA LEU A 280 1.03 -2.05 0.09
C LEU A 280 0.00 -2.06 -1.05
N GLU A 281 0.33 -2.67 -2.19
CA GLU A 281 -0.65 -2.73 -3.29
C GLU A 281 -1.87 -3.52 -2.78
N ARG A 282 -1.61 -4.65 -2.15
CA ARG A 282 -2.66 -5.49 -1.62
C ARG A 282 -3.53 -4.70 -0.64
N LEU A 283 -2.93 -4.20 0.43
CA LEU A 283 -3.66 -3.41 1.42
C LEU A 283 -4.43 -2.28 0.74
N ALA A 284 -3.68 -1.28 0.31
CA ALA A 284 -4.23 -0.11 -0.37
C ALA A 284 -5.19 -0.44 -1.52
N MET A 285 -5.40 -1.71 -1.77
CA MET A 285 -6.33 -2.09 -2.83
C MET A 285 -7.70 -2.42 -2.29
N ILE A 286 -7.74 -2.97 -1.08
CA ILE A 286 -9.01 -3.30 -0.45
C ILE A 286 -9.47 -2.02 0.22
N LEU A 287 -8.55 -1.47 1.00
CA LEU A 287 -8.75 -0.25 1.74
C LEU A 287 -9.18 0.90 0.84
N TYR A 288 -9.06 0.70 -0.47
CA TYR A 288 -9.45 1.78 -1.39
C TYR A 288 -10.33 1.38 -2.57
N ASP A 289 -10.60 0.09 -2.71
CA ASP A 289 -11.46 -0.44 -3.77
C ASP A 289 -10.89 -0.28 -5.20
N ILE A 290 -9.56 -0.28 -5.31
CA ILE A 290 -8.91 -0.16 -6.61
C ILE A 290 -8.60 -1.61 -6.93
N PRO A 291 -9.28 -2.17 -7.95
CA PRO A 291 -9.21 -3.54 -8.46
C PRO A 291 -8.03 -4.06 -9.28
N ASP A 292 -7.63 -3.31 -10.30
CA ASP A 292 -6.56 -3.75 -11.17
C ASP A 292 -5.24 -3.05 -10.93
N ILE A 293 -4.47 -3.57 -9.98
CA ILE A 293 -3.18 -3.03 -9.59
C ILE A 293 -2.53 -2.03 -10.56
N ARG A 294 -2.58 -2.37 -11.85
CA ARG A 294 -2.02 -1.52 -12.89
C ARG A 294 -2.32 -0.04 -12.67
N LEU A 295 -3.61 0.27 -12.44
CA LEU A 295 -4.08 1.64 -12.17
C LEU A 295 -3.05 2.42 -11.34
N PHE A 296 -2.46 1.75 -10.34
CA PHE A 296 -1.45 2.37 -9.48
C PHE A 296 -0.41 3.19 -10.27
N TRP A 297 -0.32 2.93 -11.56
CA TRP A 297 0.63 3.65 -12.38
C TRP A 297 -0.11 4.51 -13.38
N CYS A 298 -1.32 4.96 -13.00
CA CYS A 298 -2.07 5.80 -13.91
C CYS A 298 -1.68 7.20 -13.57
N GLU A 299 -1.81 8.13 -14.53
CA GLU A 299 -1.45 9.53 -14.25
C GLU A 299 -2.63 10.50 -14.43
N ASP A 300 -3.74 10.03 -14.98
CA ASP A 300 -4.88 10.90 -15.18
C ASP A 300 -5.34 11.49 -13.85
N GLU A 301 -5.64 12.78 -13.87
CA GLU A 301 -6.09 13.47 -12.67
C GLU A 301 -7.17 12.61 -12.01
N ARG A 302 -8.09 12.17 -12.85
CA ARG A 302 -9.21 11.34 -12.44
C ARG A 302 -8.81 10.23 -11.47
N PHE A 303 -7.51 10.00 -11.34
CA PHE A 303 -7.03 8.98 -10.44
C PHE A 303 -6.26 9.57 -9.28
N LEU A 304 -4.98 9.86 -9.50
CA LEU A 304 -4.09 10.41 -8.48
C LEU A 304 -4.76 11.36 -7.47
N LYS A 305 -5.85 12.02 -7.88
CA LYS A 305 -6.56 12.96 -7.02
C LYS A 305 -7.56 12.34 -6.05
N GLN A 306 -8.33 11.35 -6.52
CA GLN A 306 -9.31 10.69 -5.66
C GLN A 306 -8.70 10.47 -4.29
N PHE A 307 -7.38 10.57 -4.20
CA PHE A 307 -6.65 10.38 -2.97
C PHE A 307 -6.10 11.67 -2.35
N CYS A 308 -6.89 12.74 -2.41
CA CYS A 308 -6.50 14.03 -1.85
C CYS A 308 -6.43 13.93 -0.33
N VAL A 309 -7.53 14.32 0.33
CA VAL A 309 -7.64 14.26 1.79
C VAL A 309 -6.55 15.00 2.57
N SER A 310 -6.95 15.74 3.61
CA SER A 310 -5.99 16.47 4.41
C SER A 310 -5.59 15.62 5.61
N ASN A 311 -6.02 14.36 5.62
CA ASN A 311 -5.70 13.43 6.69
C ASN A 311 -5.44 12.01 6.17
N ILE A 312 -4.30 11.46 6.55
CA ILE A 312 -3.92 10.12 6.14
C ILE A 312 -5.07 9.16 6.47
N ASN A 313 -5.32 9.00 7.77
CA ASN A 313 -6.37 8.10 8.26
C ASN A 313 -7.73 8.31 7.62
N GLN A 314 -7.89 9.40 6.86
CA GLN A 314 -9.17 9.65 6.22
C GLN A 314 -9.40 8.51 5.25
N LYS A 315 -10.66 8.30 4.85
CA LYS A 315 -11.01 7.21 3.95
C LYS A 315 -11.61 7.62 2.61
N VAL A 316 -11.35 6.83 1.57
CA VAL A 316 -11.87 7.07 0.23
C VAL A 316 -12.27 5.78 -0.45
N LYS A 317 -13.13 5.91 -1.46
CA LYS A 317 -13.61 4.75 -2.17
C LYS A 317 -13.60 4.93 -3.69
N PHE A 318 -12.48 4.49 -4.27
CA PHE A 318 -12.19 4.57 -5.69
C PHE A 318 -13.38 4.66 -6.64
N GLN A 319 -13.36 5.70 -7.47
CA GLN A 319 -14.40 5.89 -8.46
C GLN A 319 -13.82 5.36 -9.77
N PRO A 320 -14.31 4.19 -10.23
CA PRO A 320 -13.88 3.52 -11.46
C PRO A 320 -13.04 4.35 -12.42
N LEU A 321 -13.67 5.26 -13.17
CA LEU A 321 -12.95 6.12 -14.12
C LEU A 321 -12.87 5.57 -15.56
N SER A 322 -13.78 6.04 -16.41
CA SER A 322 -13.89 5.63 -17.81
C SER A 322 -12.90 6.30 -18.76
N LYS A 323 -12.18 5.48 -19.51
CA LYS A 323 -11.20 5.97 -20.48
C LYS A 323 -11.82 6.19 -21.86
N TYR A 324 -12.90 6.95 -21.88
CA TYR A 324 -13.62 7.28 -23.10
C TYR A 324 -13.82 8.81 -23.26
N PRO A 325 -14.15 9.25 -24.48
CA PRO A 325 -14.36 10.68 -24.69
C PRO A 325 -15.40 11.16 -23.71
N ALA A 326 -15.15 12.29 -23.08
CA ALA A 326 -16.15 12.84 -22.19
C ALA A 326 -16.84 13.86 -23.06
N VAL A 327 -18.07 14.22 -22.73
CA VAL A 327 -18.79 15.25 -23.49
C VAL A 327 -19.27 16.31 -22.53
N ILE A 328 -18.51 17.40 -22.45
CA ILE A 328 -18.82 18.51 -21.55
C ILE A 328 -19.82 19.56 -22.03
N ASN A 329 -20.78 19.85 -21.17
CA ASN A 329 -21.79 20.87 -21.46
C ASN A 329 -21.84 21.76 -20.24
N ASP A 330 -22.33 22.98 -20.42
CA ASP A 330 -22.43 23.90 -19.31
C ASP A 330 -23.87 24.37 -19.18
N ILE A 331 -24.28 24.62 -17.95
CA ILE A 331 -25.64 25.07 -17.71
C ILE A 331 -25.58 26.18 -16.67
N SER A 332 -26.10 27.35 -17.05
CA SER A 332 -26.09 28.48 -16.13
C SER A 332 -27.49 29.00 -15.92
N PHE A 333 -27.74 29.40 -14.68
CA PHE A 333 -29.05 29.93 -14.28
C PHE A 333 -28.90 30.98 -13.15
N TRP A 334 -29.87 31.90 -13.07
CA TRP A 334 -29.87 32.90 -12.02
C TRP A 334 -30.48 32.23 -10.82
N LEU A 335 -29.94 32.52 -9.66
CA LEU A 335 -30.42 31.94 -8.42
C LEU A 335 -31.62 32.66 -7.82
N PRO A 336 -32.55 31.89 -7.21
CA PRO A 336 -33.74 32.43 -6.57
C PRO A 336 -33.32 32.75 -5.15
N SER A 337 -33.76 33.90 -4.64
CA SER A 337 -33.40 34.35 -3.29
C SER A 337 -33.86 33.43 -2.15
N GLU A 338 -33.11 33.50 -1.05
CA GLU A 338 -33.40 32.73 0.16
C GLU A 338 -33.12 31.22 0.15
N ASN A 339 -33.73 30.49 -0.77
CA ASN A 339 -33.56 29.03 -0.79
C ASN A 339 -32.84 28.41 -1.99
N TYR A 340 -31.65 27.88 -1.73
CA TYR A 340 -30.78 27.26 -2.74
C TYR A 340 -29.44 26.92 -2.09
N ALA A 341 -29.08 25.65 -2.07
CA ALA A 341 -27.80 25.23 -1.52
C ALA A 341 -27.14 24.38 -2.58
N GLU A 342 -25.82 24.49 -2.68
CA GLU A 342 -25.06 23.77 -3.67
C GLU A 342 -25.46 22.29 -3.77
N ASN A 343 -25.24 21.54 -2.69
CA ASN A 343 -25.57 20.12 -2.65
C ASN A 343 -26.95 19.77 -3.20
N ASP A 344 -27.85 20.73 -3.27
CA ASP A 344 -29.17 20.46 -3.80
C ASP A 344 -29.06 20.31 -5.30
N PHE A 345 -28.25 21.18 -5.91
CA PHE A 345 -28.07 21.13 -7.36
C PHE A 345 -27.17 20.00 -7.78
N TYR A 346 -26.29 19.57 -6.88
CA TYR A 346 -25.38 18.49 -7.22
C TYR A 346 -26.14 17.16 -7.28
N ASP A 347 -27.26 17.09 -6.55
CA ASP A 347 -28.06 15.87 -6.51
C ASP A 347 -29.04 15.78 -7.68
N LEU A 348 -29.59 16.91 -8.09
CA LEU A 348 -30.52 16.87 -9.21
C LEU A 348 -29.79 16.44 -10.46
N VAL A 349 -28.52 16.84 -10.59
CA VAL A 349 -27.70 16.46 -11.74
C VAL A 349 -27.48 14.95 -11.62
N ARG A 350 -27.06 14.52 -10.43
CA ARG A 350 -26.81 13.12 -10.14
C ARG A 350 -28.15 12.33 -10.20
N THR A 351 -29.27 13.06 -10.15
CA THR A 351 -30.61 12.46 -10.22
C THR A 351 -31.06 12.44 -11.66
N ILE A 352 -31.22 13.63 -12.24
CA ILE A 352 -31.61 13.74 -13.64
C ILE A 352 -30.39 13.13 -14.29
N GLY A 353 -30.56 12.48 -15.43
CA GLY A 353 -29.43 11.86 -16.13
C GLY A 353 -28.12 11.62 -15.38
N GLY A 354 -28.20 11.16 -14.14
CA GLY A 354 -26.99 10.92 -13.37
C GLY A 354 -26.38 9.58 -13.72
N ASP A 355 -25.62 9.00 -12.78
CA ASP A 355 -24.95 7.70 -12.94
C ASP A 355 -23.76 7.77 -13.91
N LEU A 356 -23.88 8.63 -14.93
CA LEU A 356 -22.82 8.83 -15.92
C LEU A 356 -22.46 10.32 -15.98
N VAL A 357 -22.10 10.88 -14.84
CA VAL A 357 -21.72 12.29 -14.78
C VAL A 357 -20.25 12.49 -14.43
N GLU A 358 -19.67 11.57 -13.67
CA GLU A 358 -18.25 11.63 -13.28
C GLU A 358 -17.75 12.84 -12.48
N LYS A 359 -18.16 14.05 -12.87
CA LYS A 359 -17.73 15.25 -12.17
C LYS A 359 -18.54 16.49 -12.55
N VAL A 360 -18.71 17.38 -11.57
CA VAL A 360 -19.42 18.64 -11.78
C VAL A 360 -18.66 19.73 -11.06
N ASP A 361 -18.51 20.87 -11.72
CA ASP A 361 -17.80 22.01 -11.14
C ASP A 361 -18.52 23.34 -11.36
N LEU A 362 -18.35 24.21 -10.37
CA LEU A 362 -18.88 25.56 -10.42
C LEU A 362 -17.78 26.38 -11.09
N ILE A 363 -18.05 26.85 -12.30
CA ILE A 363 -17.05 27.59 -13.04
C ILE A 363 -17.19 29.11 -13.08
N ASP A 364 -18.16 29.69 -12.35
CA ASP A 364 -18.34 31.15 -12.33
C ASP A 364 -19.54 31.66 -11.51
N LYS A 365 -19.26 32.57 -10.55
CA LYS A 365 -20.28 33.21 -9.67
C LYS A 365 -20.34 34.70 -10.05
N PHE A 366 -21.41 35.05 -10.77
CA PHE A 366 -21.62 36.42 -11.22
C PHE A 366 -22.78 37.10 -10.47
N VAL A 367 -22.49 38.22 -9.83
CA VAL A 367 -23.52 38.96 -9.11
C VAL A 367 -23.90 40.17 -9.97
N HIS A 368 -24.88 40.01 -10.85
CA HIS A 368 -25.27 41.12 -11.72
C HIS A 368 -25.14 42.50 -11.06
N PRO A 369 -24.46 43.44 -11.74
CA PRO A 369 -24.28 44.79 -11.19
C PRO A 369 -25.54 45.64 -11.07
N LYS A 370 -26.55 45.36 -11.91
CA LYS A 370 -27.78 46.11 -11.88
C LYS A 370 -28.97 45.42 -11.25
N THR A 371 -29.25 44.16 -11.59
CA THR A 371 -30.40 43.50 -10.95
C THR A 371 -29.99 43.02 -9.56
N HIS A 372 -28.72 42.72 -9.40
CA HIS A 372 -28.17 42.23 -8.14
C HIS A 372 -28.60 40.79 -7.89
N LYS A 373 -29.04 40.11 -8.96
CA LYS A 373 -29.45 38.71 -8.89
C LYS A 373 -28.20 37.84 -9.18
N THR A 374 -28.07 36.73 -8.47
CA THR A 374 -26.89 35.88 -8.64
C THR A 374 -27.02 34.80 -9.71
N SER A 375 -25.90 34.54 -10.38
CA SER A 375 -25.87 33.51 -11.41
C SER A 375 -24.75 32.51 -11.13
N HIS A 376 -24.99 31.24 -11.44
CA HIS A 376 -23.98 30.21 -11.25
C HIS A 376 -23.85 29.44 -12.57
N CYS A 377 -22.64 28.97 -12.85
CA CYS A 377 -22.37 28.22 -14.06
C CYS A 377 -21.70 26.91 -13.75
N TYR A 378 -22.47 25.85 -13.79
CA TYR A 378 -21.95 24.54 -13.49
C TYR A 378 -21.44 23.85 -14.74
N ARG A 379 -20.34 23.11 -14.62
CA ARG A 379 -19.79 22.41 -15.77
C ARG A 379 -20.02 20.92 -15.56
N ILE A 380 -20.94 20.38 -16.33
CA ILE A 380 -21.30 18.97 -16.24
C ILE A 380 -20.48 18.16 -17.27
N THR A 381 -19.70 17.19 -16.77
CA THR A 381 -18.85 16.34 -17.61
C THR A 381 -19.50 14.99 -17.91
N TYR A 382 -20.39 14.91 -18.90
CA TYR A 382 -21.02 13.62 -19.20
C TYR A 382 -19.93 12.66 -19.65
N ARG A 383 -20.11 11.37 -19.40
CA ARG A 383 -19.10 10.38 -19.79
C ARG A 383 -19.47 8.93 -19.45
N HIS A 384 -19.90 8.19 -20.47
CA HIS A 384 -20.25 6.80 -20.32
C HIS A 384 -18.99 5.97 -20.02
N MET A 385 -19.20 4.81 -19.41
CA MET A 385 -18.12 3.93 -19.01
C MET A 385 -17.85 2.83 -20.06
N GLU A 386 -18.90 2.48 -20.81
CA GLU A 386 -18.82 1.44 -21.83
C GLU A 386 -18.58 1.97 -23.25
N ARG A 387 -19.39 2.94 -23.67
CA ARG A 387 -19.29 3.51 -25.03
C ARG A 387 -18.87 4.99 -25.10
N THR A 388 -18.81 5.51 -26.33
CA THR A 388 -18.47 6.90 -26.59
C THR A 388 -19.83 7.54 -26.77
N LEU A 389 -20.09 8.59 -25.99
CA LEU A 389 -21.39 9.25 -26.07
C LEU A 389 -21.42 10.43 -27.03
N SER A 390 -22.49 10.49 -27.81
CA SER A 390 -22.71 11.53 -28.80
C SER A 390 -23.36 12.76 -28.21
N GLN A 391 -23.14 13.91 -28.85
CA GLN A 391 -23.74 15.15 -28.36
C GLN A 391 -25.25 15.00 -28.33
N ARG A 392 -25.82 14.44 -29.40
CA ARG A 392 -27.26 14.25 -29.49
C ARG A 392 -27.78 13.35 -28.36
N GLU A 393 -27.00 12.33 -28.00
CA GLU A 393 -27.40 11.42 -26.92
C GLU A 393 -27.46 12.18 -25.62
N VAL A 394 -26.40 12.95 -25.37
CA VAL A 394 -26.29 13.74 -24.16
C VAL A 394 -27.40 14.76 -24.07
N ARG A 395 -27.19 15.90 -24.72
CA ARG A 395 -28.15 17.03 -24.73
C ARG A 395 -29.51 16.74 -24.10
N HIS A 396 -30.21 15.73 -24.61
CA HIS A 396 -31.52 15.38 -24.05
C HIS A 396 -31.42 15.36 -22.53
N ILE A 397 -30.34 14.78 -22.03
CA ILE A 397 -30.08 14.70 -20.58
C ILE A 397 -29.92 16.11 -20.05
N HIS A 398 -28.92 16.83 -20.58
CA HIS A 398 -28.67 18.20 -20.18
C HIS A 398 -30.01 18.96 -20.17
N GLN A 399 -30.73 18.90 -21.28
CA GLN A 399 -32.03 19.58 -21.39
C GLN A 399 -33.00 19.08 -20.33
N ALA A 400 -32.98 17.78 -20.09
CA ALA A 400 -33.84 17.18 -19.09
C ALA A 400 -33.47 17.68 -17.71
N LEU A 401 -32.62 18.71 -17.67
CA LEU A 401 -32.18 19.30 -16.42
C LEU A 401 -32.50 20.79 -16.48
N GLN A 402 -32.60 21.31 -17.69
CA GLN A 402 -32.90 22.72 -17.87
C GLN A 402 -34.35 23.04 -17.51
N GLU A 403 -35.25 22.09 -17.81
CA GLU A 403 -36.68 22.26 -17.53
C GLU A 403 -37.02 21.52 -16.23
N ALA A 404 -35.99 21.02 -15.55
CA ALA A 404 -36.15 20.32 -14.29
C ALA A 404 -35.47 21.16 -13.22
N ALA A 405 -34.41 21.85 -13.62
CA ALA A 405 -33.66 22.70 -12.71
C ALA A 405 -34.51 23.89 -12.35
N VAL A 406 -35.35 24.30 -13.30
CA VAL A 406 -36.24 25.43 -13.07
C VAL A 406 -37.30 24.97 -12.07
N GLN A 407 -38.34 24.32 -12.58
CA GLN A 407 -39.44 23.81 -11.77
C GLN A 407 -39.09 23.37 -10.35
N LEU A 408 -38.23 22.38 -10.24
CA LEU A 408 -37.86 21.83 -8.94
C LEU A 408 -36.79 22.55 -8.11
N LEU A 409 -36.13 23.56 -8.67
CA LEU A 409 -35.09 24.27 -7.91
C LEU A 409 -35.48 25.73 -7.71
N GLY A 410 -36.35 26.23 -8.58
CA GLY A 410 -36.82 27.60 -8.47
C GLY A 410 -35.89 28.62 -9.08
N VAL A 411 -35.14 28.20 -10.09
CA VAL A 411 -34.21 29.11 -10.73
C VAL A 411 -34.77 29.63 -12.04
N GLU A 412 -34.13 30.68 -12.54
CA GLU A 412 -34.49 31.30 -13.80
C GLU A 412 -33.35 30.83 -14.68
N GLY A 413 -33.67 30.01 -15.67
CA GLY A 413 -32.65 29.44 -16.52
C GLY A 413 -32.08 30.28 -17.64
N ARG A 414 -30.80 30.60 -17.54
CA ARG A 414 -30.13 31.37 -18.59
C ARG A 414 -29.94 30.44 -19.78
N PHE A 415 -31.03 30.10 -20.49
CA PHE A 415 -30.95 29.21 -21.64
C PHE A 415 -32.21 29.09 -22.53
#